data_4X4Z
#
_entry.id   4X4Z
#
_cell.length_a   98.580
_cell.length_b   103.750
_cell.length_c   110.210
_cell.angle_alpha   90.00
_cell.angle_beta   90.00
_cell.angle_gamma   90.00
#
_symmetry.space_group_name_H-M   'F 2 2 2'
#
loop_
_entity.id
_entity.type
_entity.pdbx_description
1 polymer 'Herceptin VL domain with F53D mutation'
2 water water
#
_entity_poly.entity_id   1
_entity_poly.type   'polypeptide(L)'
_entity_poly.pdbx_seq_one_letter_code
;DIQMTQSPSSLSASVGDRVTITCRASQDVNTAVAWYQQKPGKAPKLLIYSASDLYSGVPSRFSGSRSGTDFTLTISSLQP
EDFATYYCQQHYTTPPTFGQGTKVEIK
;
_entity_poly.pdbx_strand_id   A,B
#
# COMPACT_ATOMS: atom_id res chain seq x y z
N ILE A 2 -13.93 5.63 -0.40
CA ILE A 2 -13.77 5.28 -1.86
C ILE A 2 -13.00 3.98 -2.04
N GLN A 3 -13.52 3.05 -2.83
CA GLN A 3 -12.88 1.74 -2.99
C GLN A 3 -12.21 1.76 -4.34
N MET A 4 -11.11 1.04 -4.44
CA MET A 4 -10.45 0.79 -5.73
C MET A 4 -10.60 -0.71 -5.98
N THR A 5 -11.30 -1.10 -7.05
CA THR A 5 -11.44 -2.52 -7.43
C THR A 5 -10.41 -2.93 -8.48
N GLN A 6 -9.37 -3.62 -8.04
CA GLN A 6 -8.19 -3.95 -8.83
C GLN A 6 -8.30 -5.30 -9.41
N SER A 7 -7.98 -5.49 -10.69
CA SER A 7 -8.10 -6.84 -11.26
C SER A 7 -7.08 -6.95 -12.38
N PRO A 8 -6.50 -8.11 -12.62
CA PRO A 8 -6.74 -9.38 -11.86
C PRO A 8 -6.08 -9.32 -10.53
N SER A 9 -6.46 -10.24 -9.68
CA SER A 9 -5.75 -10.43 -8.38
C SER A 9 -4.39 -11.06 -8.62
N SER A 10 -4.29 -12.03 -9.53
CA SER A 10 -2.97 -12.61 -9.91
C SER A 10 -3.03 -13.02 -11.39
N LEU A 11 -1.89 -13.05 -12.03
CA LEU A 11 -1.86 -13.44 -13.43
C LEU A 11 -0.50 -14.01 -13.74
N SER A 12 -0.46 -14.88 -14.74
CA SER A 12 0.77 -15.42 -15.23
C SER A 12 0.98 -15.00 -16.68
N ALA A 13 2.22 -14.66 -17.01
CA ALA A 13 2.56 -14.03 -18.29
C ALA A 13 4.00 -14.29 -18.63
N SER A 14 4.36 -14.01 -19.87
CA SER A 14 5.73 -14.32 -20.36
C SER A 14 6.50 -13.09 -20.65
N VAL A 15 7.83 -13.20 -20.65
CA VAL A 15 8.68 -12.12 -21.07
C VAL A 15 8.29 -11.71 -22.48
N GLY A 16 8.20 -10.40 -22.69
CA GLY A 16 7.80 -9.84 -23.98
C GLY A 16 6.32 -9.56 -24.19
N ASP A 17 5.49 -10.05 -23.29
CA ASP A 17 4.02 -9.91 -23.34
C ASP A 17 3.62 -8.46 -23.07
N ARG A 18 2.48 -8.08 -23.65
CA ARG A 18 1.83 -6.82 -23.36
C ARG A 18 0.66 -7.14 -22.47
N VAL A 19 0.61 -6.53 -21.27
CA VAL A 19 -0.37 -6.89 -20.29
C VAL A 19 -0.88 -5.62 -19.60
N THR A 20 -2.15 -5.64 -19.23
CA THR A 20 -2.81 -4.46 -18.62
C THR A 20 -3.46 -4.92 -17.29
N ILE A 21 -3.27 -4.09 -16.28
CA ILE A 21 -3.92 -4.25 -14.95
C ILE A 21 -4.84 -3.13 -14.75
N THR A 22 -5.99 -3.40 -14.13
CA THR A 22 -7.09 -2.40 -14.15
C THR A 22 -7.48 -2.08 -12.69
N CYS A 23 -7.91 -0.85 -12.47
N CYS A 23 -7.76 -0.82 -12.41
CA CYS A 23 -8.37 -0.42 -11.17
CA CYS A 23 -8.40 -0.41 -11.15
C CYS A 23 -9.55 0.53 -11.29
C CYS A 23 -9.62 0.43 -11.48
N ARG A 24 -10.75 0.11 -10.86
CA ARG A 24 -11.94 0.92 -10.96
C ARG A 24 -12.25 1.62 -9.63
N ALA A 25 -12.29 2.93 -9.64
CA ALA A 25 -12.70 3.71 -8.47
C ALA A 25 -14.23 3.64 -8.27
N SER A 26 -14.70 3.54 -7.03
CA SER A 26 -16.14 3.45 -6.76
C SER A 26 -16.82 4.79 -6.98
N GLN A 27 -16.04 5.87 -7.05
CA GLN A 27 -16.55 7.14 -7.53
C GLN A 27 -15.44 8.03 -8.03
N ASP A 28 -15.81 9.20 -8.52
CA ASP A 28 -14.85 10.08 -9.15
C ASP A 28 -13.69 10.39 -8.17
N VAL A 29 -12.49 10.17 -8.63
CA VAL A 29 -11.23 10.48 -7.86
C VAL A 29 -10.35 11.36 -8.67
N ASN A 30 -10.94 12.09 -9.60
CA ASN A 30 -10.19 12.78 -10.62
C ASN A 30 -9.02 12.03 -11.16
N THR A 31 -7.84 12.64 -10.99
CA THR A 31 -6.65 12.03 -11.48
C THR A 31 -5.67 11.75 -10.30
N ALA A 32 -6.22 11.57 -9.09
CA ALA A 32 -5.43 11.38 -7.89
C ALA A 32 -5.20 9.87 -7.67
N VAL A 33 -4.48 9.23 -8.59
CA VAL A 33 -4.22 7.80 -8.60
C VAL A 33 -2.73 7.61 -8.88
N ALA A 34 -2.10 6.74 -8.09
CA ALA A 34 -0.70 6.35 -8.26
C ALA A 34 -0.63 4.82 -8.37
N TRP A 35 0.42 4.31 -9.01
CA TRP A 35 0.64 2.88 -9.06
C TRP A 35 1.98 2.63 -8.47
N TYR A 36 2.10 1.51 -7.78
CA TYR A 36 3.28 1.07 -7.11
C TYR A 36 3.62 -0.36 -7.46
N GLN A 37 4.90 -0.67 -7.35
CA GLN A 37 5.41 -2.02 -7.50
C GLN A 37 6.04 -2.44 -6.21
N GLN A 38 5.73 -3.63 -5.77
CA GLN A 38 6.31 -4.21 -4.56
C GLN A 38 6.86 -5.58 -4.81
N LYS A 39 8.08 -5.75 -4.35
CA LYS A 39 8.74 -7.08 -4.29
C LYS A 39 8.73 -7.67 -2.84
N PRO A 40 8.72 -9.00 -2.76
CA PRO A 40 8.76 -9.59 -1.41
C PRO A 40 9.91 -9.02 -0.54
N GLY A 41 9.64 -8.68 0.73
CA GLY A 41 10.67 -8.13 1.60
C GLY A 41 10.97 -6.65 1.45
N LYS A 42 10.44 -5.98 0.41
CA LYS A 42 10.73 -4.53 0.13
C LYS A 42 9.50 -3.67 0.30
N ALA A 43 9.68 -2.38 0.53
CA ALA A 43 8.56 -1.50 0.50
C ALA A 43 8.14 -1.27 -0.96
N PRO A 44 6.88 -0.88 -1.17
CA PRO A 44 6.48 -0.58 -2.59
C PRO A 44 7.30 0.60 -3.16
N LYS A 45 7.51 0.68 -4.49
CA LYS A 45 8.18 1.82 -5.15
C LYS A 45 7.15 2.49 -6.04
N LEU A 46 7.19 3.79 -6.11
CA LEU A 46 6.29 4.53 -6.97
C LEU A 46 6.69 4.37 -8.45
N LEU A 47 5.74 4.00 -9.26
CA LEU A 47 5.95 3.89 -10.70
C LEU A 47 5.30 5.06 -11.49
N ILE A 48 4.02 5.30 -11.19
CA ILE A 48 3.15 6.23 -11.90
C ILE A 48 2.41 7.11 -10.92
N TYR A 49 2.38 8.41 -11.21
CA TYR A 49 1.59 9.29 -10.38
C TYR A 49 0.65 10.10 -11.29
N SER A 50 -0.37 10.74 -10.72
CA SER A 50 -1.32 11.53 -11.49
C SER A 50 -1.85 10.72 -12.66
N ALA A 51 -2.16 9.46 -12.39
CA ALA A 51 -2.70 8.50 -13.32
C ALA A 51 -1.79 8.10 -14.49
N SER A 52 -0.94 9.00 -15.00
CA SER A 52 -0.26 8.70 -16.25
C SER A 52 1.16 9.23 -16.35
N ASP A 53 1.67 9.84 -15.30
CA ASP A 53 3.03 10.39 -15.33
C ASP A 53 4.00 9.40 -14.75
N LEU A 54 5.05 9.07 -15.50
CA LEU A 54 6.08 8.19 -15.00
C LEU A 54 7.01 8.89 -13.98
N TYR A 55 7.30 8.18 -12.89
CA TYR A 55 8.38 8.58 -11.97
C TYR A 55 9.73 8.48 -12.66
N SER A 56 10.69 9.29 -12.23
CA SER A 56 12.02 9.29 -12.77
C SER A 56 12.63 7.89 -12.67
N GLY A 57 13.25 7.44 -13.71
CA GLY A 57 13.90 6.16 -13.74
C GLY A 57 13.01 5.00 -14.17
N VAL A 58 11.72 5.18 -14.19
CA VAL A 58 10.82 4.11 -14.53
C VAL A 58 10.90 3.93 -16.05
N PRO A 59 11.02 2.69 -16.54
CA PRO A 59 11.21 2.62 -18.01
C PRO A 59 9.95 2.88 -18.81
N SER A 60 10.16 3.24 -20.08
CA SER A 60 9.13 3.74 -20.98
C SER A 60 8.09 2.65 -21.28
N ARG A 61 8.43 1.38 -21.03
CA ARG A 61 7.43 0.34 -21.30
C ARG A 61 6.23 0.39 -20.35
N PHE A 62 6.35 1.12 -19.26
CA PHE A 62 5.23 1.33 -18.38
C PHE A 62 4.36 2.47 -18.88
N SER A 63 3.04 2.33 -18.78
CA SER A 63 2.20 3.50 -19.05
C SER A 63 0.93 3.42 -18.23
N GLY A 64 0.36 4.57 -17.92
CA GLY A 64 -0.87 4.61 -17.17
C GLY A 64 -1.88 5.40 -17.93
N SER A 65 -3.13 5.10 -17.71
CA SER A 65 -4.17 5.83 -18.39
C SER A 65 -5.42 5.82 -17.49
N ARG A 66 -6.24 6.84 -17.70
CA ARG A 66 -7.53 7.01 -16.99
C ARG A 66 -8.63 7.18 -18.02
N SER A 67 -9.78 6.58 -17.79
CA SER A 67 -10.95 6.95 -18.57
C SER A 67 -12.15 6.94 -17.60
N GLY A 68 -12.56 8.15 -17.18
CA GLY A 68 -13.55 8.31 -16.08
C GLY A 68 -13.01 7.74 -14.78
N THR A 69 -13.68 6.71 -14.24
CA THR A 69 -13.31 6.08 -12.99
C THR A 69 -12.46 4.82 -13.22
N ASP A 70 -12.11 4.52 -14.46
CA ASP A 70 -11.29 3.32 -14.77
C ASP A 70 -9.82 3.71 -15.05
N PHE A 71 -8.96 3.08 -14.30
CA PHE A 71 -7.50 3.37 -14.38
C PHE A 71 -6.78 2.09 -14.84
N THR A 72 -5.79 2.22 -15.70
CA THR A 72 -5.03 1.09 -16.15
C THR A 72 -3.55 1.39 -16.10
N LEU A 73 -2.82 0.33 -15.80
CA LEU A 73 -1.39 0.28 -15.93
C LEU A 73 -1.08 -0.81 -16.99
N THR A 74 -0.29 -0.42 -17.99
CA THR A 74 0.06 -1.32 -19.10
C THR A 74 1.57 -1.45 -19.08
N ILE A 75 2.07 -2.66 -19.31
CA ILE A 75 3.48 -2.90 -19.56
C ILE A 75 3.57 -3.45 -20.96
N SER A 76 4.29 -2.77 -21.84
CA SER A 76 4.18 -3.04 -23.27
C SER A 76 5.05 -4.25 -23.71
N SER A 77 6.10 -4.54 -22.94
CA SER A 77 6.91 -5.70 -23.22
C SER A 77 7.53 -6.18 -21.85
N LEU A 78 6.86 -7.11 -21.21
CA LEU A 78 7.21 -7.54 -19.88
C LEU A 78 8.64 -8.04 -19.83
N GLN A 79 9.38 -7.56 -18.84
CA GLN A 79 10.78 -7.95 -18.64
C GLN A 79 10.94 -8.69 -17.31
N PRO A 80 12.07 -9.40 -17.16
CA PRO A 80 12.26 -10.18 -15.92
C PRO A 80 12.13 -9.34 -14.65
N GLU A 81 12.63 -8.11 -14.67
CA GLU A 81 12.49 -7.25 -13.48
C GLU A 81 11.08 -6.86 -13.11
N ASP A 82 10.14 -7.07 -14.00
CA ASP A 82 8.78 -6.54 -13.83
C ASP A 82 7.88 -7.56 -13.10
N PHE A 83 8.34 -8.80 -12.96
CA PHE A 83 7.57 -9.74 -12.14
C PHE A 83 7.57 -9.28 -10.65
N ALA A 84 6.39 -8.97 -10.15
CA ALA A 84 6.24 -8.36 -8.86
C ALA A 84 4.73 -8.21 -8.55
N THR A 85 4.40 -7.57 -7.41
CA THR A 85 3.02 -7.21 -7.11
C THR A 85 2.82 -5.72 -7.36
N TYR A 86 1.70 -5.39 -7.99
CA TYR A 86 1.38 -4.01 -8.35
C TYR A 86 0.17 -3.60 -7.59
N TYR A 87 0.18 -2.36 -7.09
CA TYR A 87 -0.99 -1.76 -6.44
C TYR A 87 -1.38 -0.43 -7.02
N CYS A 88 -2.69 -0.19 -7.22
N CYS A 88 -2.68 -0.17 -7.20
CA CYS A 88 -3.17 1.16 -7.47
CA CYS A 88 -3.09 1.18 -7.46
C CYS A 88 -3.47 1.80 -6.09
C CYS A 88 -3.47 1.80 -6.10
N GLN A 89 -3.46 3.11 -6.04
CA GLN A 89 -3.90 3.83 -4.82
C GLN A 89 -4.62 5.07 -5.26
N GLN A 90 -5.78 5.35 -4.67
CA GLN A 90 -6.38 6.65 -4.80
C GLN A 90 -6.02 7.48 -3.58
N HIS A 91 -5.68 8.73 -3.85
CA HIS A 91 -5.33 9.65 -2.75
C HIS A 91 -6.16 10.91 -2.91
N TYR A 92 -7.39 10.74 -3.43
CA TYR A 92 -8.35 11.81 -3.51
C TYR A 92 -8.89 12.06 -2.12
N THR A 93 -9.23 11.01 -1.37
CA THR A 93 -9.61 11.27 0.04
C THR A 93 -8.45 10.83 0.88
N THR A 94 -8.47 11.19 2.14
CA THR A 94 -7.38 10.80 3.05
C THR A 94 -8.00 10.10 4.22
N PRO A 95 -7.41 8.99 4.68
CA PRO A 95 -6.19 8.46 4.17
C PRO A 95 -6.45 7.82 2.78
N PRO A 96 -5.44 7.78 1.98
CA PRO A 96 -5.54 7.12 0.64
C PRO A 96 -5.90 5.62 0.76
N THR A 97 -6.44 5.05 -0.28
CA THR A 97 -6.86 3.66 -0.29
C THR A 97 -6.19 2.91 -1.42
N PHE A 98 -5.66 1.71 -1.13
CA PHE A 98 -5.07 0.86 -2.15
C PHE A 98 -6.10 -0.03 -2.76
N GLY A 99 -5.82 -0.46 -4.00
CA GLY A 99 -6.38 -1.66 -4.54
C GLY A 99 -5.87 -2.89 -3.83
N GLN A 100 -6.55 -4.00 -4.03
CA GLN A 100 -6.13 -5.27 -3.44
C GLN A 100 -4.90 -5.91 -4.07
N GLY A 101 -4.37 -5.34 -5.12
CA GLY A 101 -3.12 -5.75 -5.69
C GLY A 101 -3.24 -6.73 -6.87
N THR A 102 -2.15 -6.84 -7.59
CA THR A 102 -2.00 -7.82 -8.71
C THR A 102 -0.65 -8.45 -8.66
N LYS A 103 -0.57 -9.74 -8.39
CA LYS A 103 0.67 -10.49 -8.47
C LYS A 103 0.93 -10.89 -9.90
N VAL A 104 2.07 -10.44 -10.43
CA VAL A 104 2.47 -10.74 -11.83
C VAL A 104 3.56 -11.75 -11.74
N GLU A 105 3.24 -12.97 -12.15
CA GLU A 105 4.19 -14.14 -12.03
C GLU A 105 4.57 -14.57 -13.47
N ILE A 106 5.79 -15.12 -13.63
CA ILE A 106 6.18 -15.72 -14.91
C ILE A 106 5.44 -17.07 -15.16
N LYS A 107 5.01 -17.33 -16.40
CA LYS A 107 4.18 -18.53 -16.73
C LYS A 107 4.97 -19.79 -16.45
N ILE B 2 -9.40 -12.39 2.36
CA ILE B 2 -8.80 -11.74 3.61
C ILE B 2 -8.77 -10.24 3.65
N GLN B 3 -9.42 -9.68 4.67
CA GLN B 3 -9.62 -8.22 4.78
C GLN B 3 -8.92 -7.86 6.06
N MET B 4 -8.24 -6.74 6.03
CA MET B 4 -7.71 -6.11 7.21
C MET B 4 -8.53 -4.83 7.46
N THR B 5 -9.14 -4.75 8.63
CA THR B 5 -10.01 -3.66 8.95
C THR B 5 -9.21 -2.78 9.90
N GLN B 6 -8.85 -1.63 9.41
CA GLN B 6 -8.02 -0.74 10.17
C GLN B 6 -8.81 0.40 10.84
N SER B 7 -8.42 0.74 12.06
CA SER B 7 -9.15 1.73 12.86
C SER B 7 -8.18 2.54 13.76
N PRO B 8 -8.41 3.85 13.93
CA PRO B 8 -9.46 4.68 13.25
C PRO B 8 -9.01 5.10 11.86
N SER B 9 -9.84 5.79 11.09
CA SER B 9 -9.39 6.37 9.77
C SER B 9 -8.43 7.53 9.86
N SER B 10 -8.59 8.34 10.92
CA SER B 10 -7.68 9.39 11.17
C SER B 10 -7.73 9.70 12.65
N LEU B 11 -6.68 10.32 13.12
CA LEU B 11 -6.60 10.71 14.58
C LEU B 11 -5.71 11.91 14.65
N SER B 12 -5.97 12.73 15.67
CA SER B 12 -5.08 13.81 15.91
C SER B 12 -4.52 13.71 17.30
N ALA B 13 -3.30 14.17 17.42
CA ALA B 13 -2.56 14.05 18.68
C ALA B 13 -1.43 15.11 18.70
N SER B 14 -0.90 15.35 19.88
CA SER B 14 0.21 16.33 20.05
C SER B 14 1.52 15.57 20.13
N VAL B 15 2.60 16.26 19.84
CA VAL B 15 3.93 15.71 20.06
C VAL B 15 4.05 15.25 21.49
N GLY B 16 4.57 14.05 21.70
CA GLY B 16 4.75 13.53 23.01
C GLY B 16 3.59 12.61 23.39
N ASP B 17 2.50 12.59 22.62
CA ASP B 17 1.41 11.62 22.98
C ASP B 17 1.73 10.17 22.59
N ARG B 18 1.12 9.23 23.29
CA ARG B 18 1.13 7.80 22.85
C ARG B 18 -0.06 7.61 21.95
N VAL B 19 0.16 7.02 20.77
CA VAL B 19 -0.88 6.80 19.77
C VAL B 19 -0.93 5.28 19.47
N THR B 20 -2.14 4.70 19.37
CA THR B 20 -2.26 3.32 18.96
C THR B 20 -3.20 3.22 17.76
N ILE B 21 -2.84 2.34 16.83
CA ILE B 21 -3.62 2.13 15.60
C ILE B 21 -3.84 0.61 15.54
N THR B 22 -5.06 0.19 15.21
CA THR B 22 -5.47 -1.23 15.25
C THR B 22 -5.84 -1.70 13.84
N CYS B 23 -5.59 -2.98 13.62
CA CYS B 23 -5.92 -3.68 12.37
C CYS B 23 -6.43 -5.01 12.79
N ARG B 24 -7.67 -5.32 12.42
CA ARG B 24 -8.26 -6.62 12.69
C ARG B 24 -8.34 -7.46 11.41
N ALA B 25 -7.74 -8.64 11.45
CA ALA B 25 -7.75 -9.55 10.26
C ALA B 25 -9.06 -10.32 10.24
N SER B 26 -9.60 -10.63 9.09
CA SER B 26 -10.90 -11.28 9.00
C SER B 26 -10.81 -12.79 9.34
N GLN B 27 -9.59 -13.34 9.35
CA GLN B 27 -9.31 -14.68 9.90
C GLN B 27 -7.86 -14.72 10.36
N ASP B 28 -7.51 -15.79 11.02
CA ASP B 28 -6.15 -15.98 11.54
C ASP B 28 -5.14 -15.90 10.41
N VAL B 29 -4.16 -15.00 10.57
CA VAL B 29 -3.10 -14.86 9.61
C VAL B 29 -1.72 -15.09 10.29
N ASN B 30 -1.73 -15.80 11.41
CA ASN B 30 -0.56 -15.92 12.29
C ASN B 30 0.07 -14.56 12.51
N THR B 31 1.35 -14.41 12.21
CA THR B 31 2.07 -13.16 12.41
C THR B 31 2.42 -12.44 11.12
N ALA B 32 1.73 -12.80 10.03
CA ALA B 32 2.08 -12.33 8.69
C ALA B 32 1.51 -10.95 8.38
N VAL B 33 1.87 -9.98 9.24
CA VAL B 33 1.40 -8.63 9.08
C VAL B 33 2.57 -7.64 9.15
N ALA B 34 2.57 -6.64 8.29
CA ALA B 34 3.61 -5.63 8.32
C ALA B 34 2.96 -4.29 8.43
N TRP B 35 3.70 -3.30 8.94
CA TRP B 35 3.19 -1.92 9.04
C TRP B 35 4.10 -0.99 8.26
N TYR B 36 3.47 -0.04 7.60
CA TYR B 36 4.12 0.96 6.78
C TYR B 36 3.72 2.37 7.13
N GLN B 37 4.64 3.28 6.85
CA GLN B 37 4.41 4.72 7.01
C GLN B 37 4.48 5.37 5.65
N GLN B 38 3.50 6.17 5.32
CA GLN B 38 3.55 6.96 4.09
C GLN B 38 3.33 8.44 4.31
N LYS B 39 4.28 9.21 3.85
CA LYS B 39 4.13 10.67 3.74
C LYS B 39 3.62 11.07 2.39
N PRO B 40 2.91 12.19 2.35
CA PRO B 40 2.45 12.73 1.05
C PRO B 40 3.57 12.91 0.07
N GLY B 41 3.37 12.40 -1.14
CA GLY B 41 4.36 12.41 -2.15
C GLY B 41 5.41 11.33 -2.19
N LYS B 42 5.48 10.46 -1.19
CA LYS B 42 6.49 9.45 -1.10
C LYS B 42 5.82 8.09 -1.10
N ALA B 43 6.57 7.07 -1.48
CA ALA B 43 6.13 5.73 -1.39
C ALA B 43 6.14 5.32 0.13
N PRO B 44 5.38 4.28 0.51
CA PRO B 44 5.35 3.78 1.89
C PRO B 44 6.72 3.27 2.25
N LYS B 45 7.09 3.37 3.53
CA LYS B 45 8.38 2.87 4.08
C LYS B 45 7.98 1.79 5.07
N LEU B 46 8.69 0.66 5.06
CA LEU B 46 8.42 -0.45 5.96
C LEU B 46 8.88 -0.14 7.40
N LEU B 47 8.00 -0.31 8.36
CA LEU B 47 8.35 -0.06 9.79
C LEU B 47 8.54 -1.33 10.58
N ILE B 48 7.62 -2.26 10.37
CA ILE B 48 7.49 -3.44 11.20
C ILE B 48 7.14 -4.61 10.30
N TYR B 49 7.78 -5.76 10.52
CA TYR B 49 7.40 -7.00 9.81
C TYR B 49 7.17 -8.12 10.84
N SER B 50 6.47 -9.17 10.40
CA SER B 50 6.12 -10.30 11.24
C SER B 50 5.44 -9.79 12.52
N ALA B 51 4.60 -8.78 12.41
CA ALA B 51 3.75 -8.22 13.51
C ALA B 51 4.50 -7.38 14.50
N SER B 52 5.71 -7.77 14.86
CA SER B 52 6.38 -7.07 15.95
C SER B 52 7.90 -6.82 15.76
N ASP B 53 8.49 -7.15 14.62
CA ASP B 53 9.90 -6.92 14.43
C ASP B 53 10.16 -5.61 13.69
N LEU B 54 11.07 -4.80 14.23
CA LEU B 54 11.37 -3.48 13.67
C LEU B 54 12.37 -3.61 12.55
N TYR B 55 12.12 -2.91 11.44
CA TYR B 55 13.11 -2.74 10.39
C TYR B 55 14.31 -1.93 10.95
N SER B 56 15.51 -2.24 10.46
CA SER B 56 16.72 -1.48 10.72
C SER B 56 16.48 -0.01 10.45
N GLY B 57 16.91 0.84 11.38
CA GLY B 57 16.66 2.28 11.22
C GLY B 57 15.37 2.85 11.82
N VAL B 58 14.42 1.99 12.21
CA VAL B 58 13.19 2.44 12.77
C VAL B 58 13.37 2.72 14.27
N PRO B 59 12.95 3.91 14.71
CA PRO B 59 13.21 4.19 16.14
C PRO B 59 12.36 3.39 17.09
N SER B 60 12.91 3.21 18.28
CA SER B 60 12.42 2.32 19.33
C SER B 60 11.03 2.72 19.78
N ARG B 61 10.64 3.97 19.59
CA ARG B 61 9.26 4.36 19.95
C ARG B 61 8.13 3.65 19.19
N PHE B 62 8.44 3.04 18.05
CA PHE B 62 7.49 2.23 17.32
C PHE B 62 7.52 0.83 17.86
N SER B 63 6.31 0.27 18.09
CA SER B 63 6.22 -1.14 18.39
C SER B 63 4.97 -1.76 17.80
N GLY B 64 5.06 -3.07 17.54
CA GLY B 64 3.92 -3.80 17.00
C GLY B 64 3.58 -4.96 17.91
N SER B 65 2.31 -5.29 18.00
CA SER B 65 1.87 -6.46 18.76
C SER B 65 0.65 -7.10 18.13
N ARG B 66 0.41 -8.32 18.56
CA ARG B 66 -0.68 -9.11 18.06
C ARG B 66 -1.39 -9.71 19.21
N SER B 67 -2.68 -9.74 19.11
CA SER B 67 -3.44 -10.65 19.95
C SER B 67 -4.54 -11.30 19.11
N GLY B 68 -4.36 -12.58 18.78
CA GLY B 68 -5.24 -13.29 17.90
C GLY B 68 -5.22 -12.66 16.49
N THR B 69 -6.38 -12.23 16.02
CA THR B 69 -6.50 -11.48 14.76
C THR B 69 -6.35 -9.94 14.86
N ASP B 70 -6.10 -9.45 16.06
CA ASP B 70 -5.90 -8.04 16.34
C ASP B 70 -4.44 -7.65 16.36
N PHE B 71 -4.12 -6.67 15.53
CA PHE B 71 -2.75 -6.19 15.42
C PHE B 71 -2.71 -4.73 15.78
N THR B 72 -1.73 -4.34 16.60
CA THR B 72 -1.62 -2.92 17.01
C THR B 72 -0.26 -2.36 16.70
N LEU B 73 -0.22 -1.16 16.12
CA LEU B 73 0.96 -0.33 16.07
C LEU B 73 0.84 0.73 17.15
N THR B 74 1.85 0.83 17.99
CA THR B 74 1.94 1.89 19.06
C THR B 74 3.15 2.80 18.79
N ILE B 75 2.96 4.14 18.87
CA ILE B 75 4.05 5.08 18.87
C ILE B 75 4.00 5.65 20.30
N SER B 76 5.00 5.34 21.11
CA SER B 76 4.99 5.66 22.59
C SER B 76 5.00 7.16 22.91
N SER B 77 5.67 7.93 22.06
CA SER B 77 5.82 9.36 22.24
C SER B 77 5.96 9.96 20.85
N LEU B 78 4.84 10.47 20.33
CA LEU B 78 4.76 10.98 19.00
C LEU B 78 5.79 12.14 18.76
N GLN B 79 6.56 12.03 17.68
CA GLN B 79 7.54 13.03 17.31
C GLN B 79 7.03 13.79 16.05
N PRO B 80 7.59 14.97 15.78
CA PRO B 80 7.13 15.75 14.57
C PRO B 80 7.35 14.95 13.31
N GLU B 81 8.36 14.09 13.27
CA GLU B 81 8.61 13.27 12.05
C GLU B 81 7.63 12.10 11.87
N ASP B 82 6.73 11.86 12.81
CA ASP B 82 5.77 10.74 12.72
C ASP B 82 4.40 11.10 12.15
N PHE B 83 4.14 12.38 11.88
CA PHE B 83 2.83 12.72 11.31
C PHE B 83 2.87 12.25 9.88
N ALA B 84 1.96 11.35 9.55
CA ALA B 84 1.96 10.60 8.29
C ALA B 84 0.72 9.73 8.22
N THR B 85 0.57 8.95 7.15
CA THR B 85 -0.48 7.90 7.12
C THR B 85 0.18 6.55 7.33
N TYR B 86 -0.45 5.72 8.11
CA TYR B 86 0.07 4.40 8.45
C TYR B 86 -0.89 3.32 7.94
N TYR B 87 -0.31 2.25 7.41
CA TYR B 87 -1.03 1.09 6.85
C TYR B 87 -0.59 -0.19 7.44
N CYS B 88 -1.50 -1.10 7.82
CA CYS B 88 -1.12 -2.49 8.07
C CYS B 88 -1.24 -3.21 6.70
N GLN B 89 -0.61 -4.36 6.61
CA GLN B 89 -0.66 -5.14 5.38
C GLN B 89 -0.54 -6.57 5.80
N GLN B 90 -1.48 -7.43 5.41
CA GLN B 90 -1.28 -8.86 5.60
C GLN B 90 -0.62 -9.47 4.38
N HIS B 91 0.31 -10.37 4.62
CA HIS B 91 0.95 -11.13 3.55
C HIS B 91 0.84 -12.62 3.79
N TYR B 92 -0.28 -13.05 4.39
CA TYR B 92 -0.61 -14.45 4.52
C TYR B 92 -1.07 -15.00 3.18
N THR B 93 -1.82 -14.21 2.44
CA THR B 93 -2.23 -14.62 1.05
C THR B 93 -1.44 -13.79 0.08
N THR B 94 -1.49 -14.14 -1.17
CA THR B 94 -0.86 -13.30 -2.17
C THR B 94 -1.92 -13.03 -3.26
N PRO B 95 -2.03 -11.79 -3.71
CA PRO B 95 -1.17 -10.73 -3.29
C PRO B 95 -1.51 -10.25 -1.88
N PRO B 96 -0.53 -9.67 -1.16
CA PRO B 96 -0.81 -9.09 0.17
C PRO B 96 -1.84 -7.97 0.03
N THR B 97 -2.55 -7.67 1.08
CA THR B 97 -3.63 -6.68 1.08
C THR B 97 -3.41 -5.71 2.23
N PHE B 98 -3.59 -4.41 1.93
CA PHE B 98 -3.43 -3.33 2.93
C PHE B 98 -4.71 -3.10 3.72
N GLY B 99 -4.59 -2.65 4.99
CA GLY B 99 -5.73 -1.94 5.52
C GLY B 99 -6.05 -0.60 4.80
N GLN B 100 -7.13 0.07 5.24
CA GLN B 100 -7.57 1.31 4.66
C GLN B 100 -6.75 2.52 5.10
N GLY B 101 -5.92 2.39 6.10
CA GLY B 101 -5.01 3.47 6.47
C GLY B 101 -5.52 4.28 7.67
N THR B 102 -4.59 4.92 8.35
CA THR B 102 -4.85 5.84 9.43
C THR B 102 -3.99 7.07 9.24
N LYS B 103 -4.61 8.19 9.06
CA LYS B 103 -3.91 9.46 8.93
C LYS B 103 -3.64 9.98 10.33
N VAL B 104 -2.38 10.18 10.73
CA VAL B 104 -2.05 10.75 12.07
C VAL B 104 -1.65 12.23 11.83
N GLU B 105 -2.45 13.15 12.39
CA GLU B 105 -2.47 14.59 12.07
C GLU B 105 -2.19 15.37 13.36
N ILE B 106 -1.64 16.58 13.18
CA ILE B 106 -1.26 17.42 14.38
C ILE B 106 -2.54 18.04 14.98
N LYS B 107 -2.65 17.98 16.31
CA LYS B 107 -3.76 18.60 17.06
C LYS B 107 -4.04 17.88 18.38
#